data_8QCU
#
_entry.id   8QCU
#
_cell.length_a   81.120
_cell.length_b   81.120
_cell.length_c   37.190
_cell.angle_alpha   90.000
_cell.angle_beta   90.000
_cell.angle_gamma   90.000
#
_symmetry.space_group_name_H-M   'P 43 21 2'
#
loop_
_entity.id
_entity.type
_entity.pdbx_description
1 polymer 'Lysozyme C'
2 non-polymer 'CHLORIDE ION'
3 non-polymer 'SODIUM ION'
4 non-polymer 'Tricarbonyl di(imidazole) rhenium(I)'
5 non-polymer 'Tricarbonyl (aqua) (imidazole) rhenium(I)'
6 non-polymer IMIDAZOLE
7 non-polymer RHENIUM
8 non-polymer 'BROMIDE ION'
9 water water
#
_entity_poly.entity_id   1
_entity_poly.type   'polypeptide(L)'
_entity_poly.pdbx_seq_one_letter_code
;KVFGRCELAAAMKRHGLDNYRGYSLGNWVCAAKFESNFNTQATNRNTDGSTDYGILQINSRWWCNDGRTPGSRNLCNIPC
SALLSSDITASVNCAKKIVSDGNGMNAWVAWRNRCKGTDVQAWIRGCRL
;
_entity_poly.pdbx_strand_id   A
#
loop_
_chem_comp.id
_chem_comp.type
_chem_comp.name
_chem_comp.formula
BR non-polymer 'BROMIDE ION' 'Br -1'
CL non-polymer 'CHLORIDE ION' 'Cl -1'
IMD non-polymer IMIDAZOLE 'C3 H5 N2 1'
NA non-polymer 'SODIUM ION' 'Na 1'
RE non-polymer RHENIUM Re
REI non-polymer 'Tricarbonyl (aqua) (imidazole) rhenium(I)' 'C6 H6 N2 O4 Re 1'
VHL non-polymer 'Tricarbonyl di(imidazole) rhenium(I)' 'C9 H6 N4 O3 Re 1'
#
# COMPACT_ATOMS: atom_id res chain seq x y z
N LYS A 1 5.85 -9.86 -8.11
CA LYS A 1 4.76 -10.85 -8.13
C LYS A 1 3.46 -10.12 -8.38
N VAL A 2 2.64 -10.66 -9.27
CA VAL A 2 1.29 -10.15 -9.51
C VAL A 2 0.33 -11.07 -8.77
N PHE A 3 -0.26 -10.55 -7.71
CA PHE A 3 -1.18 -11.34 -6.90
C PHE A 3 -2.53 -11.43 -7.60
N GLY A 4 -3.21 -12.56 -7.35
CA GLY A 4 -4.62 -12.61 -7.60
C GLY A 4 -5.37 -11.94 -6.48
N ARG A 5 -6.60 -11.54 -6.78
CA ARG A 5 -7.44 -10.82 -5.83
C ARG A 5 -7.59 -11.59 -4.51
N CYS A 6 -8.08 -12.83 -4.58
CA CYS A 6 -8.32 -13.57 -3.35
C CYS A 6 -7.03 -13.94 -2.63
N GLU A 7 -5.98 -14.23 -3.40
CA GLU A 7 -4.68 -14.53 -2.83
C GLU A 7 -4.18 -13.34 -2.02
N LEU A 8 -4.31 -12.14 -2.57
CA LEU A 8 -3.86 -10.96 -1.82
C LEU A 8 -4.74 -10.73 -0.60
N ALA A 9 -6.05 -10.94 -0.73
CA ALA A 9 -6.92 -10.77 0.42
C ALA A 9 -6.47 -11.66 1.57
N ALA A 10 -6.19 -12.93 1.27
CA ALA A 10 -5.78 -13.86 2.30
C ALA A 10 -4.45 -13.43 2.92
N ALA A 11 -3.51 -13.00 2.10
CA ALA A 11 -2.21 -12.58 2.62
C ALA A 11 -2.36 -11.33 3.48
N MET A 12 -3.16 -10.36 3.03
CA MET A 12 -3.37 -9.15 3.82
C MET A 12 -4.04 -9.50 5.14
N LYS A 13 -4.93 -10.47 5.12
CA LYS A 13 -5.61 -10.89 6.37
C LYS A 13 -4.59 -11.53 7.33
N ARG A 14 -3.70 -12.37 6.81
CA ARG A 14 -2.66 -13.02 7.64
C ARG A 14 -1.77 -11.94 8.24
N HIS A 15 -1.56 -10.85 7.51
CA HIS A 15 -0.67 -9.75 7.94
C HIS A 15 -1.42 -8.74 8.80
N GLY A 16 -2.68 -8.98 9.22
CA GLY A 16 -3.34 -8.16 10.19
C GLY A 16 -3.98 -6.90 9.65
N LEU A 17 -4.23 -6.81 8.33
CA LEU A 17 -4.85 -5.60 7.81
C LEU A 17 -6.38 -5.60 7.94
N ASP A 18 -7.02 -6.75 8.15
CA ASP A 18 -8.49 -6.74 8.21
C ASP A 18 -8.96 -5.96 9.43
N ASN A 19 -9.66 -4.85 9.19
N ASN A 19 -9.62 -4.84 9.19
CA ASN A 19 -10.15 -3.94 10.22
CA ASN A 19 -10.14 -3.94 10.23
C ASN A 19 -9.02 -3.18 10.91
C ASN A 19 -9.04 -3.16 10.91
N TYR A 20 -7.84 -3.14 10.32
CA TYR A 20 -6.76 -2.33 10.90
C TYR A 20 -7.14 -0.86 10.78
N ARG A 21 -7.08 -0.13 11.89
CA ARG A 21 -7.51 1.29 11.96
C ARG A 21 -8.97 1.39 11.49
N GLY A 22 -9.72 0.29 11.60
CA GLY A 22 -11.12 0.28 11.25
C GLY A 22 -11.41 0.06 9.77
N TYR A 23 -10.40 -0.26 8.97
CA TYR A 23 -10.59 -0.42 7.52
C TYR A 23 -10.69 -1.90 7.21
N SER A 24 -11.88 -2.32 6.78
CA SER A 24 -12.12 -3.70 6.43
C SER A 24 -11.20 -4.13 5.30
N LEU A 25 -11.00 -5.44 5.20
CA LEU A 25 -10.06 -6.03 4.24
C LEU A 25 -10.31 -5.56 2.82
N GLY A 26 -11.56 -5.46 2.39
CA GLY A 26 -11.83 -5.02 1.03
C GLY A 26 -11.28 -3.65 0.69
N ASN A 27 -11.21 -2.75 1.67
CA ASN A 27 -10.62 -1.45 1.42
C ASN A 27 -9.16 -1.58 0.99
N TRP A 28 -8.44 -2.49 1.64
CA TRP A 28 -7.02 -2.68 1.36
C TRP A 28 -6.80 -3.37 0.02
N VAL A 29 -7.65 -4.33 -0.30
CA VAL A 29 -7.56 -5.00 -1.59
C VAL A 29 -7.87 -4.02 -2.71
N CYS A 30 -8.94 -3.24 -2.56
CA CYS A 30 -9.30 -2.22 -3.53
C CYS A 30 -8.16 -1.23 -3.72
N ALA A 31 -7.57 -0.75 -2.63
CA ALA A 31 -6.45 0.19 -2.75
C ALA A 31 -5.31 -0.42 -3.56
N ALA A 32 -4.95 -1.67 -3.25
CA ALA A 32 -3.87 -2.34 -3.97
C ALA A 32 -4.21 -2.48 -5.44
N LYS A 33 -5.45 -2.84 -5.76
CA LYS A 33 -5.87 -2.95 -7.15
C LYS A 33 -5.57 -1.68 -7.91
N PHE A 34 -5.99 -0.55 -7.38
CA PHE A 34 -5.90 0.70 -8.13
C PHE A 34 -4.57 1.40 -7.96
N GLU A 35 -3.83 1.11 -6.90
CA GLU A 35 -2.48 1.65 -6.80
C GLU A 35 -1.51 0.92 -7.73
N SER A 36 -1.58 -0.41 -7.80
CA SER A 36 -0.52 -1.19 -8.43
C SER A 36 -1.00 -2.28 -9.38
N ASN A 37 -2.31 -2.46 -9.53
CA ASN A 37 -2.86 -3.60 -10.24
C ASN A 37 -2.35 -4.91 -9.68
N PHE A 38 -2.12 -4.92 -8.36
CA PHE A 38 -1.70 -6.09 -7.60
C PHE A 38 -0.25 -6.52 -7.90
N ASN A 39 0.54 -5.67 -8.55
CA ASN A 39 1.92 -5.98 -8.88
C ASN A 39 2.86 -5.44 -7.80
N THR A 40 3.52 -6.34 -7.07
CA THR A 40 4.43 -5.88 -6.03
C THR A 40 5.60 -5.07 -6.57
N GLN A 41 5.94 -5.22 -7.85
CA GLN A 41 7.11 -4.53 -8.42
C GLN A 41 6.76 -3.19 -9.05
N ALA A 42 5.53 -2.73 -8.92
CA ALA A 42 5.15 -1.46 -9.52
C ALA A 42 5.96 -0.30 -8.93
N THR A 43 6.40 0.59 -9.81
CA THR A 43 7.04 1.85 -9.43
C THR A 43 6.48 2.98 -10.27
N ASN A 44 6.46 4.16 -9.69
CA ASN A 44 5.97 5.33 -10.41
C ASN A 44 6.76 6.54 -9.93
N ARG A 45 7.48 7.15 -10.87
N ARG A 45 7.46 7.17 -10.86
CA ARG A 45 8.23 8.38 -10.53
CA ARG A 45 8.25 8.39 -10.55
C ARG A 45 7.27 9.57 -10.59
C ARG A 45 7.30 9.58 -10.61
N ASN A 46 7.29 10.39 -9.56
CA ASN A 46 6.47 11.59 -9.49
C ASN A 46 7.24 12.78 -10.03
N THR A 47 6.50 13.82 -10.43
CA THR A 47 7.14 14.99 -11.03
C THR A 47 8.08 15.69 -10.06
N ASP A 48 7.84 15.56 -8.75
CA ASP A 48 8.71 16.14 -7.73
C ASP A 48 9.98 15.31 -7.49
N GLY A 49 10.20 14.22 -8.22
CA GLY A 49 11.39 13.43 -8.08
C GLY A 49 11.30 12.30 -7.10
N SER A 50 10.30 12.29 -6.22
CA SER A 50 10.04 11.13 -5.39
C SER A 50 9.50 9.99 -6.26
N THR A 51 9.49 8.79 -5.70
CA THR A 51 8.99 7.59 -6.37
C THR A 51 8.09 6.83 -5.43
N ASP A 52 7.07 6.22 -6.01
CA ASP A 52 6.13 5.36 -5.31
C ASP A 52 6.47 3.91 -5.59
N TYR A 53 6.42 3.06 -4.56
CA TYR A 53 6.89 1.69 -4.65
C TYR A 53 5.90 0.67 -4.14
N GLY A 54 5.72 -0.40 -4.91
CA GLY A 54 5.07 -1.60 -4.43
C GLY A 54 3.56 -1.61 -4.56
N ILE A 55 2.95 -2.65 -3.96
N ILE A 55 2.97 -2.65 -3.96
CA ILE A 55 1.49 -2.92 -4.08
CA ILE A 55 1.51 -2.90 -4.13
C ILE A 55 0.64 -1.74 -3.63
C ILE A 55 0.65 -1.74 -3.64
N LEU A 56 1.13 -0.96 -2.67
CA LEU A 56 0.40 0.21 -2.17
C LEU A 56 1.08 1.52 -2.52
N GLN A 57 2.07 1.50 -3.42
CA GLN A 57 2.63 2.73 -3.97
C GLN A 57 3.03 3.73 -2.88
N ILE A 58 3.89 3.26 -1.99
CA ILE A 58 4.37 4.04 -0.85
C ILE A 58 5.53 4.92 -1.32
N ASN A 59 5.51 6.19 -0.91
N ASN A 59 5.49 6.20 -0.93
CA ASN A 59 6.30 7.25 -1.52
CA ASN A 59 6.34 7.19 -1.54
C ASN A 59 7.58 7.54 -0.74
C ASN A 59 7.62 7.42 -0.75
N SER A 60 8.69 7.72 -1.50
CA SER A 60 10.00 7.97 -0.94
C SER A 60 10.19 9.37 -0.34
N ARG A 61 9.25 10.28 -0.48
CA ARG A 61 9.38 11.63 0.13
C ARG A 61 9.26 11.53 1.65
N TRP A 62 8.48 10.58 2.16
CA TRP A 62 8.25 10.46 3.57
C TRP A 62 8.60 9.11 4.16
N TRP A 63 8.30 8.01 3.45
CA TRP A 63 8.22 6.68 4.10
C TRP A 63 9.40 5.72 3.93
N CYS A 64 10.12 5.78 2.82
CA CYS A 64 11.18 4.82 2.60
C CYS A 64 12.37 5.54 1.99
N ASN A 65 13.55 4.93 2.07
CA ASN A 65 14.74 5.52 1.50
C ASN A 65 15.10 4.87 0.17
N ASP A 66 15.23 5.71 -0.87
CA ASP A 66 15.77 5.26 -2.14
C ASP A 66 17.06 5.97 -2.55
N GLY A 67 17.59 6.86 -1.71
CA GLY A 67 18.85 7.52 -1.98
C GLY A 67 18.81 8.60 -3.05
N ARG A 68 17.67 8.85 -3.66
N ARG A 68 17.66 8.85 -3.65
CA ARG A 68 17.59 9.82 -4.75
CA ARG A 68 17.56 9.79 -4.76
C ARG A 68 16.43 10.79 -4.59
C ARG A 68 16.41 10.77 -4.60
N THR A 69 15.94 10.99 -3.37
CA THR A 69 14.83 11.89 -3.06
C THR A 69 15.32 12.91 -2.04
N PRO A 70 15.97 13.98 -2.49
CA PRO A 70 16.60 14.91 -1.54
C PRO A 70 15.63 15.46 -0.51
N GLY A 71 16.13 15.60 0.70
CA GLY A 71 15.37 16.21 1.77
C GLY A 71 14.26 15.35 2.30
N SER A 72 14.20 14.10 1.89
CA SER A 72 13.11 13.22 2.24
C SER A 72 13.36 12.57 3.59
N ARG A 73 12.31 11.96 4.10
CA ARG A 73 12.39 11.15 5.29
C ARG A 73 12.23 9.69 4.89
N ASN A 74 12.43 8.84 5.88
CA ASN A 74 12.35 7.39 5.79
C ASN A 74 11.63 6.93 7.06
N LEU A 75 10.38 7.37 7.20
CA LEU A 75 9.62 7.16 8.46
C LEU A 75 9.30 5.68 8.68
N CYS A 76 9.30 4.85 7.65
CA CYS A 76 9.13 3.41 7.87
C CYS A 76 10.45 2.67 8.09
N ASN A 77 11.56 3.38 8.01
CA ASN A 77 12.90 2.83 8.28
C ASN A 77 13.17 1.59 7.43
N ILE A 78 12.98 1.74 6.12
N ILE A 78 13.08 1.77 6.11
CA ILE A 78 13.21 0.68 5.17
CA ILE A 78 13.17 0.64 5.19
C ILE A 78 13.78 1.24 3.87
C ILE A 78 13.63 1.14 3.83
N PRO A 79 14.54 0.45 3.14
CA PRO A 79 14.84 0.79 1.76
C PRO A 79 13.57 0.63 0.94
N CYS A 80 13.34 1.56 0.02
CA CYS A 80 12.16 1.46 -0.83
C CYS A 80 12.12 0.13 -1.57
N SER A 81 13.28 -0.42 -1.91
CA SER A 81 13.29 -1.72 -2.61
C SER A 81 12.57 -2.81 -1.83
N ALA A 82 12.55 -2.72 -0.49
CA ALA A 82 11.86 -3.74 0.32
C ALA A 82 10.37 -3.78 0.01
N LEU A 83 9.82 -2.67 -0.46
CA LEU A 83 8.42 -2.58 -0.81
C LEU A 83 8.09 -3.25 -2.13
N LEU A 84 9.07 -3.80 -2.85
CA LEU A 84 8.83 -4.47 -4.12
C LEU A 84 8.83 -5.99 -4.01
N SER A 85 9.09 -6.51 -2.81
CA SER A 85 9.22 -7.95 -2.61
C SER A 85 7.92 -8.70 -2.85
N SER A 86 8.06 -9.98 -3.23
CA SER A 86 6.88 -10.83 -3.33
C SER A 86 6.26 -11.09 -1.96
N ASP A 87 7.05 -10.97 -0.89
CA ASP A 87 6.53 -11.03 0.47
C ASP A 87 6.07 -9.64 0.88
N ILE A 88 4.83 -9.54 1.36
CA ILE A 88 4.22 -8.21 1.58
C ILE A 88 4.51 -7.61 2.95
N THR A 89 5.34 -8.26 3.78
CA THR A 89 5.54 -7.77 5.14
C THR A 89 5.91 -6.29 5.18
N ALA A 90 6.93 -5.88 4.43
CA ALA A 90 7.40 -4.51 4.55
C ALA A 90 6.34 -3.52 4.11
N SER A 91 5.64 -3.81 3.01
CA SER A 91 4.58 -2.93 2.56
C SER A 91 3.46 -2.85 3.60
N VAL A 92 3.07 -3.97 4.18
CA VAL A 92 2.01 -3.94 5.18
C VAL A 92 2.44 -3.14 6.42
N ASN A 93 3.64 -3.40 6.93
CA ASN A 93 4.07 -2.70 8.13
C ASN A 93 4.14 -1.20 7.90
N CYS A 94 4.61 -0.79 6.73
CA CYS A 94 4.67 0.64 6.44
C CYS A 94 3.26 1.21 6.26
N ALA A 95 2.39 0.49 5.57
CA ALA A 95 1.01 0.95 5.39
C ALA A 95 0.30 1.13 6.72
N LYS A 96 0.59 0.26 7.69
CA LYS A 96 0.00 0.43 9.01
C LYS A 96 0.41 1.75 9.65
N LYS A 97 1.68 2.13 9.49
CA LYS A 97 2.12 3.43 9.98
C LYS A 97 1.44 4.56 9.24
N ILE A 98 1.38 4.48 7.93
CA ILE A 98 0.77 5.56 7.11
C ILE A 98 -0.69 5.76 7.50
N VAL A 99 -1.46 4.70 7.60
CA VAL A 99 -2.90 4.81 7.84
C VAL A 99 -3.20 5.31 9.24
N SER A 100 -2.22 5.26 10.15
CA SER A 100 -2.36 5.70 11.52
C SER A 100 -1.99 7.16 11.72
N ASP A 101 -1.53 7.79 10.65
N ASP A 101 -1.52 7.82 10.66
CA ASP A 101 -0.90 9.13 10.82
CA ASP A 101 -0.90 9.15 10.89
C ASP A 101 -1.88 10.31 10.86
C ASP A 101 -1.88 10.33 10.87
N GLY A 102 -3.19 10.12 10.69
CA GLY A 102 -4.14 11.20 10.89
C GLY A 102 -5.27 11.22 9.88
N ASN A 103 -4.98 10.88 8.63
CA ASN A 103 -5.96 10.99 7.56
C ASN A 103 -6.45 9.64 7.09
N GLY A 104 -6.15 8.58 7.83
CA GLY A 104 -6.65 7.27 7.46
C GLY A 104 -6.21 6.88 6.06
N MET A 105 -7.08 6.18 5.33
CA MET A 105 -6.70 5.69 4.01
C MET A 105 -6.77 6.79 2.96
N ASN A 106 -7.19 8.01 3.34
CA ASN A 106 -7.09 9.12 2.38
C ASN A 106 -5.64 9.38 2.00
N ALA A 107 -4.66 8.86 2.75
CA ALA A 107 -3.27 8.96 2.34
C ALA A 107 -3.02 8.34 0.97
N TRP A 108 -3.88 7.43 0.53
CA TRP A 108 -3.81 6.82 -0.79
C TRP A 108 -4.87 7.49 -1.66
N VAL A 109 -4.42 8.37 -2.56
CA VAL A 109 -5.37 9.15 -3.35
C VAL A 109 -6.26 8.24 -4.17
N ALA A 110 -5.72 7.13 -4.67
CA ALA A 110 -6.53 6.21 -5.44
C ALA A 110 -7.60 5.56 -4.58
N TRP A 111 -7.30 5.29 -3.31
CA TRP A 111 -8.35 4.80 -2.42
C TRP A 111 -9.46 5.84 -2.30
N ARG A 112 -9.11 7.11 -2.01
CA ARG A 112 -10.14 8.11 -1.86
C ARG A 112 -10.98 8.21 -3.12
N ASN A 113 -10.33 8.18 -4.29
CA ASN A 113 -11.03 8.48 -5.52
C ASN A 113 -11.74 7.27 -6.14
N ARG A 114 -11.35 6.04 -5.78
CA ARG A 114 -11.87 4.88 -6.46
C ARG A 114 -12.44 3.82 -5.53
N CYS A 115 -12.16 3.88 -4.24
CA CYS A 115 -12.63 2.86 -3.31
C CYS A 115 -13.54 3.41 -2.22
N LYS A 116 -13.20 4.56 -1.67
CA LYS A 116 -13.97 5.16 -0.61
C LYS A 116 -15.43 5.31 -0.99
N GLY A 117 -16.31 4.80 -0.14
CA GLY A 117 -17.73 4.92 -0.34
C GLY A 117 -18.34 3.88 -1.24
N THR A 118 -17.54 3.02 -1.85
CA THR A 118 -18.03 1.98 -2.72
C THR A 118 -18.21 0.69 -1.95
N ASP A 119 -18.80 -0.30 -2.62
CA ASP A 119 -18.99 -1.64 -2.02
C ASP A 119 -17.64 -2.36 -2.06
N VAL A 120 -16.81 -2.14 -1.06
CA VAL A 120 -15.48 -2.73 -1.06
C VAL A 120 -15.52 -4.20 -0.68
N GLN A 121 -16.61 -4.67 -0.09
CA GLN A 121 -16.78 -6.10 0.23
C GLN A 121 -16.71 -6.92 -1.06
N ALA A 122 -17.08 -6.33 -2.18
CA ALA A 122 -17.01 -7.05 -3.44
C ALA A 122 -15.60 -7.55 -3.74
N TRP A 123 -14.57 -6.83 -3.26
CA TRP A 123 -13.19 -7.24 -3.51
C TRP A 123 -12.80 -8.52 -2.81
N ILE A 124 -13.49 -8.93 -1.76
CA ILE A 124 -13.18 -10.18 -1.08
C ILE A 124 -14.27 -11.22 -1.27
N ARG A 125 -15.29 -10.89 -2.05
CA ARG A 125 -16.46 -11.80 -2.23
C ARG A 125 -16.00 -13.12 -2.85
N GLY A 126 -16.42 -14.23 -2.24
CA GLY A 126 -16.11 -15.54 -2.74
C GLY A 126 -14.79 -16.10 -2.30
N CYS A 127 -13.90 -15.29 -1.75
CA CYS A 127 -12.57 -15.77 -1.42
C CYS A 127 -12.61 -16.65 -0.18
N ARG A 128 -11.81 -17.73 -0.19
CA ARG A 128 -11.62 -18.53 1.02
C ARG A 128 -10.72 -17.74 1.96
N LEU A 129 -11.25 -17.35 3.11
CA LEU A 129 -10.51 -16.51 4.09
C LEU A 129 -10.67 -17.11 5.50
CL CL B . -14.67 -5.63 3.12
CL CL C . 17.15 10.26 -0.43
CL CL D . 18.06 2.20 3.05
CL CL E . 18.27 7.36 -10.67
NA NA F . 12.96 9.13 1.53
C1 VHL G . 5.45 12.72 10.28
C2 VHL G . 3.95 11.80 12.24
C3 VHL G . 4.66 10.18 10.24
C6 VHL G . 4.52 12.16 7.19
C5 VHL G . 3.93 12.24 6.01
C4 VHL G . 2.40 12.03 7.53
C7 VHL G . 1.35 13.83 10.22
C9 VHL G . 3.14 14.96 10.47
C8 VHL G . 2.12 15.84 10.41
N1 VHL G . 3.55 12.02 8.18
N2 VHL G . 2.58 12.15 6.23
N3 VHL G . 2.64 13.69 10.34
N4 VHL G . 1.02 15.12 10.26
O1 VHL G . 6.49 13.27 10.25
O2 VHL G . 4.05 11.78 13.38
O3 VHL G . 5.18 9.18 10.20
RE VHL G . 3.78 11.85 10.34
H61 VHL G . 5.44 12.20 7.33
H51 VHL G . 4.34 12.33 5.19
H41 VHL G . 1.57 11.96 7.92
H71 VHL G . 0.74 13.14 10.12
H91 VHL G . 4.04 15.19 10.56
H81 VHL G . 2.17 16.76 10.47
H21 VHL G . 1.96 12.17 5.62
H42 VHL G . 0.22 15.44 10.20
RE REI H . 3.20 -13.49 4.63
C1 REI H . 3.83 -15.12 3.94
N1 REI H . 2.88 -14.18 6.66
O1 REI H . 4.23 -16.12 3.48
C2 REI H . 1.46 -14.04 4.06
N2 REI H . 2.47 -14.27 8.79
O2 REI H . 0.43 -14.35 3.71
C3 REI H . 3.43 -12.79 2.90
O3 REI H . 3.55 -12.41 1.85
C5 REI H . 2.57 -13.49 7.71
C6 REI H . 2.98 -15.48 7.11
C7 REI H . 2.72 -15.50 8.43
OW REI H . 5.15 -12.89 5.36
HN2 REI H . 2.26 -14.01 9.58
H5 REI H . 2.43 -12.56 7.72
H6 REI H . 3.20 -16.22 6.58
H7 REI H . 2.72 -16.24 8.97
C1 VHL I . -23.03 -7.91 -1.26
C2 VHL I . -22.46 -6.60 -3.56
C3 VHL I . -20.61 -7.25 -1.68
C6 VHL I . -22.32 -6.56 1.50
C5 VHL I . -22.10 -5.89 2.61
C4 VHL I . -21.68 -4.59 0.92
C7 VHL I . -24.26 -3.87 -1.68
C9 VHL I . -25.38 -5.69 -1.62
C8 VHL I . -26.26 -4.66 -1.61
N1 VHL I . -22.05 -5.75 0.40
N2 VHL I . -21.70 -4.64 2.25
N3 VHL I . -24.09 -5.17 -1.64
N4 VHL I . -25.57 -3.55 -1.65
O1 VHL I . -23.55 -8.93 -1.01
O2 VHL I . -22.57 -6.80 -4.69
O3 VHL I . -19.68 -7.88 -1.67
RE VHL I . -22.23 -6.27 -1.70
H61 VHL I . -22.61 -7.45 1.46
H51 VHL I . -22.20 -6.21 3.48
H41 VHL I . -21.44 -3.85 0.42
H71 VHL I . -23.58 -3.24 -1.69
H91 VHL I . -25.60 -6.59 -1.61
H81 VHL I . -27.17 -4.72 -1.63
H21 VHL I . -21.47 -4.00 2.78
H42 VHL I . -25.89 -2.75 -1.65
N1 IMD J . -22.81 -0.14 3.21
C2 IMD J . -22.89 0.46 2.02
N3 IMD J . -24.02 1.13 1.97
C4 IMD J . -24.65 1.01 3.17
C5 IMD J . -23.94 0.14 3.92
HN1 IMD J . -22.08 -0.73 3.50
H2 IMD J . -22.22 0.40 1.30
HN3 IMD J . -24.32 1.68 1.22
H4 IMD J . -25.53 1.38 3.41
H5 IMD J . -24.13 -0.10 4.81
RE RE K . -12.98 -10.05 7.50
RE RE L . -6.59 -17.14 7.81
RE RE M . -0.19 -18.26 3.49
RE RE N . -9.95 6.79 9.84
RE RE O . -20.81 -2.08 2.84
RE RE P . 11.53 16.79 -1.83
CL CL Q . -9.29 -8.15 -10.04
BR BR R . 2.09 -19.18 5.62
#